data_9IO7
#
_entry.id   9IO7
#
_cell.length_a   35.884
_cell.length_b   50.18
_cell.length_c   60.586
_cell.angle_alpha   90
_cell.angle_beta   97.939
_cell.angle_gamma   90
#
_symmetry.space_group_name_H-M   'P 1 21 1'
#
loop_
_entity.id
_entity.type
_entity.pdbx_description
1 polymer beta-lactamase
2 non-polymer "(2S,5R)-1-formyl-N'-[(3R)-piperidine-3-carbonyl]-5-[(sulfooxy)amino]piperidine-2-carbohydrazide"
3 non-polymer 1,2-ETHANEDIOL
4 water water
#
_entity_poly.entity_id   1
_entity_poly.type   'polypeptide(L)'
_entity_poly.pdbx_seq_one_letter_code
;MGNKSDAAAKQIKKLEEDFDGRIGVFAIDTGSGNTFGYRSDERFPLCSSFKGFLAAAVLERVQQKKLDINQKVKYESRDL
EYHSPITTKYKGSGMTLGDMASAALQYSDNGATNIIMERFLGGPEGMTKFMRSIGDNEFRLDRWELELNTAIPGDKRDTS
TPKAVANSLNKLALGNVLNAKVKAIYQNWLKGNTTGDARIRASVPADWVVGDKTGSCGAYGTANDYAVIWPKNRAPLIVS
IYTTRKSKDDKHSDKTIAEASRIAIQAIDHHHHHH
;
_entity_poly.pdbx_strand_id   A
#
loop_
_chem_comp.id
_chem_comp.type
_chem_comp.name
_chem_comp.formula
C8V non-polymer (2S,5R)-1-formyl-N'-[(3R)-piperidine-3-carbonyl]-5-[(sulfooxy)amino]piperidine-2-carbohydrazide 'C13 H23 N5 O7 S'
EDO non-polymer 1,2-ETHANEDIOL 'C2 H6 O2'
#
# COMPACT_ATOMS: atom_id res chain seq x y z
N ASN A 3 24.05 -16.13 -1.26
CA ASN A 3 24.00 -17.47 -0.61
C ASN A 3 22.54 -17.79 -0.28
N LYS A 4 21.92 -16.90 0.53
CA LYS A 4 20.51 -16.95 0.87
C LYS A 4 19.72 -16.12 -0.13
N SER A 5 20.35 -15.07 -0.69
CA SER A 5 19.77 -14.20 -1.70
C SER A 5 19.56 -14.98 -3.01
N ASP A 6 20.53 -15.86 -3.31
CA ASP A 6 20.48 -16.79 -4.44
C ASP A 6 19.34 -17.80 -4.31
N ALA A 7 19.37 -18.61 -3.25
CA ALA A 7 18.29 -19.56 -3.00
C ALA A 7 16.94 -18.87 -3.09
N ALA A 8 16.81 -17.66 -2.50
CA ALA A 8 15.56 -16.90 -2.48
C ALA A 8 15.04 -16.62 -3.89
N ALA A 9 15.91 -16.02 -4.72
CA ALA A 9 15.53 -15.81 -6.11
C ALA A 9 15.04 -17.11 -6.72
N LYS A 10 15.66 -18.26 -6.38
CA LYS A 10 15.27 -19.58 -6.89
C LYS A 10 13.84 -19.89 -6.46
N GLN A 11 13.56 -19.64 -5.19
CA GLN A 11 12.28 -19.96 -4.59
C GLN A 11 11.16 -19.10 -5.18
N ILE A 12 11.38 -17.79 -5.33
CA ILE A 12 10.39 -16.88 -5.90
C ILE A 12 10.05 -17.31 -7.31
N LYS A 13 11.08 -17.58 -8.10
CA LYS A 13 10.93 -18.06 -9.46
C LYS A 13 10.03 -19.31 -9.50
N LYS A 14 10.31 -20.32 -8.66
CA LYS A 14 9.46 -21.52 -8.61
C LYS A 14 8.02 -21.15 -8.24
N LEU A 15 7.85 -20.43 -7.12
CA LEU A 15 6.56 -19.86 -6.74
C LEU A 15 5.81 -19.29 -7.95
N GLU A 16 6.50 -18.42 -8.70
CA GLU A 16 5.95 -17.66 -9.84
C GLU A 16 5.47 -18.63 -10.92
N GLU A 17 6.17 -19.76 -11.08
CA GLU A 17 5.80 -20.74 -12.07
C GLU A 17 4.61 -21.56 -11.59
N ASP A 18 4.55 -21.71 -10.27
CA ASP A 18 3.51 -22.50 -9.64
C ASP A 18 2.21 -21.69 -9.70
N PHE A 19 2.33 -20.36 -9.61
CA PHE A 19 1.22 -19.43 -9.62
C PHE A 19 0.85 -19.02 -11.05
N ASP A 20 1.74 -19.27 -12.02
CA ASP A 20 1.49 -18.89 -13.40
C ASP A 20 1.28 -17.37 -13.55
N GLY A 21 2.25 -16.56 -13.07
CA GLY A 21 2.13 -15.10 -13.08
C GLY A 21 3.46 -14.42 -12.74
N ARG A 22 3.41 -13.14 -12.36
CA ARG A 22 4.60 -12.36 -12.08
C ARG A 22 4.58 -11.88 -10.63
N ILE A 23 5.72 -12.02 -9.95
CA ILE A 23 5.89 -11.66 -8.56
C ILE A 23 7.05 -10.70 -8.43
N GLY A 24 6.76 -9.53 -7.86
CA GLY A 24 7.73 -8.47 -7.64
C GLY A 24 7.89 -8.28 -6.14
N VAL A 25 9.16 -8.30 -5.68
CA VAL A 25 9.47 -8.23 -4.27
C VAL A 25 10.56 -7.19 -4.06
N PHE A 26 10.48 -6.45 -2.96
CA PHE A 26 11.59 -5.66 -2.45
C PHE A 26 11.44 -5.65 -0.93
N ALA A 27 12.50 -6.00 -0.20
CA ALA A 27 12.46 -6.03 1.25
C ALA A 27 13.68 -5.29 1.81
N ILE A 28 13.47 -4.47 2.84
CA ILE A 28 14.56 -3.75 3.49
C ILE A 28 14.61 -4.13 4.97
N ASP A 29 15.78 -4.51 5.45
CA ASP A 29 16.09 -4.53 6.87
C ASP A 29 16.75 -3.19 7.20
N THR A 30 16.08 -2.35 7.99
CA THR A 30 16.50 -0.97 8.18
C THR A 30 17.65 -0.88 9.20
N GLY A 31 18.07 -2.03 9.73
CA GLY A 31 19.20 -2.09 10.64
C GLY A 31 20.50 -2.38 9.90
N SER A 32 20.59 -3.58 9.29
CA SER A 32 21.77 -3.99 8.54
C SER A 32 21.89 -3.27 7.20
N GLY A 33 20.85 -2.48 6.83
CA GLY A 33 20.74 -1.85 5.52
C GLY A 33 20.57 -2.86 4.38
N ASN A 34 20.41 -4.15 4.73
CA ASN A 34 20.28 -5.24 3.76
C ASN A 34 18.99 -5.19 2.94
N THR A 35 19.08 -5.61 1.67
CA THR A 35 17.94 -5.60 0.75
C THR A 35 17.86 -6.91 -0.04
N PHE A 36 16.67 -7.19 -0.60
CA PHE A 36 16.45 -8.30 -1.50
C PHE A 36 15.42 -7.88 -2.54
N GLY A 37 15.62 -8.35 -3.77
CA GLY A 37 14.88 -7.81 -4.90
C GLY A 37 14.68 -8.86 -5.98
N TYR A 38 13.44 -9.03 -6.43
CA TYR A 38 13.13 -9.87 -7.57
C TYR A 38 12.02 -9.20 -8.35
N ARG A 39 12.30 -8.97 -9.64
CA ARG A 39 11.52 -8.08 -10.50
C ARG A 39 11.23 -6.73 -9.82
N SER A 40 12.21 -6.17 -9.09
CA SER A 40 11.94 -5.04 -8.20
C SER A 40 11.77 -3.70 -8.93
N ASP A 41 12.21 -3.59 -10.19
CA ASP A 41 11.99 -2.36 -10.94
C ASP A 41 11.00 -2.59 -12.08
N GLU A 42 10.25 -3.70 -12.04
CA GLU A 42 9.19 -3.92 -12.99
C GLU A 42 7.92 -3.24 -12.48
N ARG A 43 7.04 -2.86 -13.41
CA ARG A 43 5.78 -2.21 -13.08
C ARG A 43 4.74 -3.27 -12.69
N PHE A 44 3.99 -2.95 -11.61
CA PHE A 44 2.81 -3.72 -11.23
C PHE A 44 1.72 -2.72 -10.89
N PRO A 45 0.42 -3.05 -11.15
CA PRO A 45 -0.70 -2.21 -10.74
C PRO A 45 -0.78 -1.96 -9.23
N LEU A 46 -1.08 -0.72 -8.84
CA LEU A 46 -1.24 -0.37 -7.44
C LEU A 46 -2.51 -0.98 -6.83
N CYS A 47 -3.63 -0.99 -7.55
CA CYS A 47 -4.92 -1.30 -6.93
C CYS A 47 -5.12 -0.38 -5.74
N SER A 48 -5.70 -0.91 -4.65
CA SER A 48 -6.01 -0.16 -3.43
C SER A 48 -4.77 0.32 -2.68
N SER A 49 -3.59 -0.21 -3.02
CA SER A 49 -2.41 -0.08 -2.18
C SER A 49 -1.95 1.38 -2.05
N PHE A 50 -2.21 2.22 -3.06
CA PHE A 50 -1.87 3.64 -3.04
C PHE A 50 -2.62 4.39 -1.94
N LYS A 51 -3.74 3.82 -1.46
CA LYS A 51 -4.53 4.47 -0.43
C LYS A 51 -3.70 4.65 0.84
N GLY A 52 -2.69 3.80 1.02
CA GLY A 52 -1.76 3.94 2.13
C GLY A 52 -0.95 5.22 1.98
N PHE A 53 -0.54 5.55 0.74
CA PHE A 53 0.22 6.75 0.39
C PHE A 53 -0.71 7.97 0.40
N LEU A 54 -1.98 7.74 0.06
CA LEU A 54 -3.02 8.75 0.16
C LEU A 54 -3.13 9.29 1.58
N ALA A 55 -3.13 8.39 2.57
CA ALA A 55 -3.29 8.83 3.95
C ALA A 55 -2.12 9.71 4.38
N ALA A 56 -0.92 9.35 3.94
CA ALA A 56 0.27 10.11 4.31
C ALA A 56 0.22 11.51 3.70
N ALA A 57 -0.45 11.63 2.54
CA ALA A 57 -0.52 12.92 1.85
C ALA A 57 -1.42 13.87 2.62
N VAL A 58 -2.49 13.33 3.19
CA VAL A 58 -3.40 14.15 3.97
C VAL A 58 -2.72 14.63 5.25
N LEU A 59 -1.91 13.72 5.85
CA LEU A 59 -1.20 13.94 7.11
C LEU A 59 -0.14 15.02 6.93
N GLU A 60 0.51 15.03 5.76
CA GLU A 60 1.50 16.03 5.47
C GLU A 60 0.85 17.40 5.38
N ARG A 61 -0.31 17.48 4.73
CA ARG A 61 -1.05 18.73 4.65
C ARG A 61 -1.42 19.15 6.07
N VAL A 62 -1.99 18.22 6.84
CA VAL A 62 -2.32 18.46 8.23
C VAL A 62 -1.11 19.09 8.93
N GLN A 63 0.10 18.50 8.78
CA GLN A 63 1.21 18.98 9.59
C GLN A 63 1.68 20.38 9.18
N GLN A 64 1.38 20.79 7.94
CA GLN A 64 1.67 22.13 7.45
C GLN A 64 0.51 23.08 7.76
N LYS A 65 -0.53 22.54 8.41
CA LYS A 65 -1.66 23.32 8.93
C LYS A 65 -2.43 23.96 7.78
N LYS A 66 -2.37 23.32 6.61
CA LYS A 66 -3.30 23.68 5.56
C LYS A 66 -4.64 22.99 5.80
N LEU A 67 -4.64 21.84 6.49
CA LEU A 67 -5.89 21.19 6.87
C LEU A 67 -5.90 20.87 8.35
N ASP A 68 -7.09 20.83 8.95
CA ASP A 68 -7.23 20.34 10.30
C ASP A 68 -7.75 18.92 10.23
N ILE A 69 -7.13 18.04 11.02
CA ILE A 69 -7.45 16.63 11.05
C ILE A 69 -8.89 16.42 11.48
N ASN A 70 -9.44 17.37 12.24
CA ASN A 70 -10.77 17.24 12.83
C ASN A 70 -11.79 17.97 11.96
N GLN A 71 -11.38 18.38 10.76
CA GLN A 71 -12.31 19.06 9.88
C GLN A 71 -13.43 18.11 9.46
N LYS A 72 -14.68 18.54 9.67
CA LYS A 72 -15.83 17.80 9.20
C LYS A 72 -15.90 17.89 7.68
N VAL A 73 -16.15 16.76 7.03
CA VAL A 73 -16.41 16.69 5.60
C VAL A 73 -17.81 16.12 5.38
N LYS A 74 -18.68 16.87 4.69
CA LYS A 74 -20.06 16.44 4.42
C LYS A 74 -20.18 15.87 3.01
N TYR A 75 -21.04 14.85 2.83
CA TYR A 75 -21.20 14.19 1.53
C TYR A 75 -22.57 13.47 1.42
N GLU A 76 -23.62 14.00 2.06
CA GLU A 76 -24.89 13.27 2.17
C GLU A 76 -25.59 13.11 0.81
N SER A 77 -25.30 14.03 -0.13
CA SER A 77 -25.90 14.06 -1.46
C SER A 77 -25.19 13.12 -2.43
N ARG A 78 -24.12 12.42 -2.00
CA ARG A 78 -23.24 11.67 -2.90
C ARG A 78 -23.64 10.20 -2.91
N ASP A 79 -23.85 9.63 -4.11
CA ASP A 79 -24.08 8.19 -4.24
C ASP A 79 -22.75 7.47 -4.09
N LEU A 80 -22.54 6.85 -2.93
CA LEU A 80 -21.22 6.32 -2.57
C LEU A 80 -20.83 5.18 -3.50
N GLU A 81 -19.54 5.15 -3.84
CA GLU A 81 -18.92 4.12 -4.64
C GLU A 81 -18.99 2.77 -3.94
N TYR A 82 -18.90 1.71 -4.73
CA TYR A 82 -18.69 0.36 -4.25
C TYR A 82 -17.46 0.30 -3.35
N HIS A 83 -17.62 -0.48 -2.28
CA HIS A 83 -16.66 -0.81 -1.23
C HIS A 83 -16.32 0.47 -0.50
N SER A 84 -17.37 1.08 0.04
CA SER A 84 -17.24 2.26 0.88
C SER A 84 -17.85 1.93 2.24
N PRO A 85 -17.31 0.94 3.00
CA PRO A 85 -17.96 0.45 4.21
C PRO A 85 -18.14 1.51 5.30
N ILE A 86 -17.09 2.33 5.53
CA ILE A 86 -17.09 3.25 6.65
C ILE A 86 -17.93 4.48 6.32
N THR A 87 -17.83 4.94 5.09
CA THR A 87 -18.46 6.19 4.72
C THR A 87 -19.98 5.98 4.63
N THR A 88 -20.40 4.76 4.25
CA THR A 88 -21.79 4.36 4.23
C THR A 88 -22.37 4.41 5.66
N LYS A 89 -21.56 4.09 6.66
CA LYS A 89 -22.08 4.07 8.01
C LYS A 89 -21.85 5.39 8.74
N TYR A 90 -21.55 6.48 8.02
CA TYR A 90 -21.33 7.78 8.64
C TYR A 90 -22.16 8.84 7.93
N LYS A 91 -22.77 8.46 6.80
CA LYS A 91 -23.34 9.41 5.86
C LYS A 91 -24.53 10.15 6.50
N GLY A 92 -24.53 11.47 6.33
CA GLY A 92 -25.55 12.33 6.92
C GLY A 92 -25.05 13.01 8.19
N SER A 93 -23.80 12.72 8.59
CA SER A 93 -23.32 13.26 9.86
C SER A 93 -21.95 13.92 9.68
N GLY A 94 -21.36 13.75 8.51
CA GLY A 94 -20.03 14.29 8.33
C GLY A 94 -18.99 13.32 8.89
N MET A 95 -17.75 13.52 8.47
CA MET A 95 -16.69 12.65 8.88
C MET A 95 -15.45 13.54 8.95
N THR A 96 -14.66 13.40 10.01
CA THR A 96 -13.42 14.15 10.11
C THR A 96 -12.50 13.72 8.98
N LEU A 97 -11.65 14.67 8.57
CA LEU A 97 -10.66 14.47 7.53
C LEU A 97 -9.76 13.29 7.87
N GLY A 98 -9.29 13.21 9.13
CA GLY A 98 -8.42 12.14 9.57
C GLY A 98 -9.17 10.80 9.51
N ASP A 99 -10.48 10.83 9.81
CA ASP A 99 -11.28 9.62 9.85
C ASP A 99 -11.50 9.08 8.45
N MET A 100 -11.69 9.99 7.48
CA MET A 100 -11.81 9.63 6.07
C MET A 100 -10.50 9.00 5.58
N ALA A 101 -9.35 9.65 5.85
CA ALA A 101 -8.06 9.11 5.46
C ALA A 101 -7.81 7.69 5.99
N SER A 102 -8.04 7.45 7.31
CA SER A 102 -7.81 6.17 7.97
C SER A 102 -8.79 5.10 7.48
N ALA A 103 -10.01 5.52 7.11
CA ALA A 103 -11.00 4.64 6.49
C ALA A 103 -10.50 4.17 5.12
N ALA A 104 -9.99 5.12 4.31
CA ALA A 104 -9.37 4.80 3.04
C ALA A 104 -8.31 3.72 3.26
N LEU A 105 -7.41 3.96 4.21
CA LEU A 105 -6.29 3.07 4.46
C LEU A 105 -6.79 1.73 5.01
N GLN A 106 -7.51 1.75 6.12
CA GLN A 106 -7.68 0.54 6.93
C GLN A 106 -8.81 -0.37 6.45
N TYR A 107 -9.72 0.17 5.62
CA TYR A 107 -10.87 -0.55 5.10
C TYR A 107 -10.98 -0.34 3.60
N SER A 108 -10.05 0.45 3.04
CA SER A 108 -9.90 0.55 1.60
C SER A 108 -11.15 1.21 1.01
N ASP A 109 -11.75 2.12 1.77
CA ASP A 109 -13.04 2.74 1.45
C ASP A 109 -12.87 3.68 0.25
N ASN A 110 -13.54 3.35 -0.87
CA ASN A 110 -13.37 4.06 -2.14
C ASN A 110 -14.11 5.40 -2.13
N GLY A 111 -15.21 5.51 -1.36
CA GLY A 111 -15.85 6.80 -1.17
C GLY A 111 -14.87 7.80 -0.52
N ALA A 112 -14.20 7.36 0.56
CA ALA A 112 -13.19 8.16 1.25
C ALA A 112 -12.09 8.56 0.27
N THR A 113 -11.50 7.58 -0.41
CA THR A 113 -10.42 7.85 -1.36
C THR A 113 -10.84 8.92 -2.37
N ASN A 114 -11.95 8.68 -3.07
CA ASN A 114 -12.35 9.62 -4.11
C ASN A 114 -12.58 11.00 -3.53
N ILE A 115 -13.18 11.09 -2.35
CA ILE A 115 -13.58 12.38 -1.83
C ILE A 115 -12.33 13.19 -1.53
N ILE A 116 -11.35 12.54 -0.94
CA ILE A 116 -10.09 13.17 -0.55
C ILE A 116 -9.37 13.71 -1.76
N MET A 117 -9.34 12.90 -2.81
CA MET A 117 -8.68 13.30 -4.05
C MET A 117 -9.42 14.45 -4.70
N GLU A 118 -10.74 14.50 -4.55
CA GLU A 118 -11.48 15.50 -5.29
C GLU A 118 -11.39 16.85 -4.59
N ARG A 119 -11.31 16.85 -3.26
CA ARG A 119 -11.47 18.09 -2.55
C ARG A 119 -10.15 18.60 -1.98
N PHE A 120 -9.24 17.70 -1.64
CA PHE A 120 -8.09 18.11 -0.83
C PHE A 120 -6.74 17.84 -1.50
N LEU A 121 -6.68 16.88 -2.43
CA LEU A 121 -5.37 16.41 -2.88
C LEU A 121 -5.10 16.72 -4.35
N GLY A 122 -6.05 17.35 -5.06
CA GLY A 122 -5.84 17.73 -6.46
C GLY A 122 -5.79 16.54 -7.43
N GLY A 123 -6.66 15.54 -7.23
CA GLY A 123 -6.86 14.46 -8.18
C GLY A 123 -5.65 13.50 -8.27
N PRO A 124 -5.72 12.48 -9.15
CA PRO A 124 -4.62 11.53 -9.29
C PRO A 124 -3.29 12.23 -9.55
N GLU A 125 -3.35 13.37 -10.24
CA GLU A 125 -2.18 14.17 -10.58
C GLU A 125 -1.56 14.73 -9.30
N GLY A 126 -2.43 15.13 -8.37
CA GLY A 126 -2.01 15.61 -7.06
C GLY A 126 -1.36 14.49 -6.26
N MET A 127 -1.97 13.30 -6.27
CA MET A 127 -1.37 12.17 -5.58
C MET A 127 0.01 11.87 -6.19
N THR A 128 0.14 11.97 -7.51
CA THR A 128 1.42 11.73 -8.15
C THR A 128 2.43 12.82 -7.71
N LYS A 129 2.01 14.10 -7.73
CA LYS A 129 2.83 15.21 -7.29
C LYS A 129 3.42 14.91 -5.91
N PHE A 130 2.58 14.42 -4.97
CA PHE A 130 2.98 14.17 -3.60
C PHE A 130 4.16 13.18 -3.57
N MET A 131 4.01 12.04 -4.26
CA MET A 131 5.03 11.00 -4.28
C MET A 131 6.31 11.49 -4.95
N ARG A 132 6.22 12.32 -5.99
CA ARG A 132 7.44 12.93 -6.53
C ARG A 132 8.13 13.78 -5.44
N SER A 133 7.33 14.48 -4.63
CA SER A 133 7.88 15.42 -3.65
C SER A 133 8.70 14.68 -2.60
N ILE A 134 8.49 13.37 -2.44
CA ILE A 134 9.25 12.62 -1.44
C ILE A 134 10.36 11.86 -2.16
N GLY A 135 10.52 12.08 -3.47
CA GLY A 135 11.57 11.45 -4.25
C GLY A 135 11.17 10.09 -4.87
N ASP A 136 9.88 9.82 -5.01
CA ASP A 136 9.43 8.63 -5.71
C ASP A 136 9.16 8.98 -7.18
N ASN A 137 10.01 8.46 -8.07
CA ASN A 137 9.96 8.78 -9.48
C ASN A 137 9.24 7.69 -10.27
N GLU A 138 8.82 6.62 -9.60
CA GLU A 138 8.20 5.53 -10.35
C GLU A 138 6.68 5.59 -10.24
N PHE A 139 6.16 5.83 -9.01
CA PHE A 139 4.73 5.84 -8.76
C PHE A 139 4.05 6.75 -9.78
N ARG A 140 2.91 6.27 -10.28
CA ARG A 140 1.95 7.14 -10.94
C ARG A 140 0.52 6.68 -10.66
N LEU A 141 -0.35 7.67 -10.44
CA LEU A 141 -1.78 7.43 -10.40
C LEU A 141 -2.43 8.26 -11.50
N ASP A 142 -3.21 7.59 -12.35
CA ASP A 142 -3.70 8.21 -13.56
C ASP A 142 -5.22 8.37 -13.49
N ARG A 143 -5.92 7.39 -12.89
CA ARG A 143 -7.37 7.34 -12.90
C ARG A 143 -7.95 7.41 -11.48
N TRP A 144 -9.27 7.40 -11.41
CA TRP A 144 -9.96 7.41 -10.14
C TRP A 144 -10.42 5.98 -9.82
N GLU A 145 -10.89 5.79 -8.57
CA GLU A 145 -11.68 4.63 -8.19
C GLU A 145 -13.02 4.68 -8.93
N LEU A 146 -13.45 3.56 -9.54
CA LEU A 146 -12.76 2.27 -9.49
C LEU A 146 -12.04 1.93 -10.79
N GLU A 147 -12.14 2.77 -11.82
CA GLU A 147 -11.50 2.55 -13.11
C GLU A 147 -10.05 2.09 -12.94
N LEU A 148 -9.34 2.57 -11.90
CA LEU A 148 -7.91 2.37 -11.78
C LEU A 148 -7.52 0.90 -11.50
N ASN A 149 -8.53 0.00 -11.38
CA ASN A 149 -8.28 -1.38 -11.00
C ASN A 149 -8.33 -2.31 -12.21
N THR A 150 -8.23 -1.75 -13.43
CA THR A 150 -8.36 -2.57 -14.64
C THR A 150 -7.19 -3.55 -14.80
N ALA A 151 -5.97 -3.21 -14.31
CA ALA A 151 -4.86 -4.15 -14.24
C ALA A 151 -4.56 -4.79 -15.61
N ILE A 152 -4.73 -4.03 -16.70
CA ILE A 152 -4.45 -4.54 -18.03
C ILE A 152 -2.94 -4.72 -18.20
N PRO A 153 -2.45 -5.89 -18.66
CA PRO A 153 -1.00 -6.10 -18.83
C PRO A 153 -0.50 -5.09 -19.85
N GLY A 154 0.55 -4.35 -19.47
CA GLY A 154 1.27 -3.48 -20.40
C GLY A 154 0.76 -2.05 -20.31
N ASP A 155 -0.38 -1.88 -19.65
CA ASP A 155 -0.90 -0.59 -19.25
C ASP A 155 -0.10 -0.07 -18.06
N LYS A 156 0.41 1.16 -18.20
CA LYS A 156 1.31 1.79 -17.24
C LYS A 156 0.54 2.70 -16.28
N ARG A 157 -0.73 2.96 -16.60
CA ARG A 157 -1.51 3.81 -15.71
C ARG A 157 -1.59 3.10 -14.36
N ASP A 158 -1.48 3.90 -13.29
CA ASP A 158 -1.82 3.43 -11.95
C ASP A 158 -0.89 2.30 -11.53
N THR A 159 0.40 2.44 -11.82
CA THR A 159 1.39 1.45 -11.47
C THR A 159 2.54 2.07 -10.67
N SER A 160 3.32 1.19 -10.00
CA SER A 160 4.62 1.52 -9.44
C SER A 160 5.51 0.30 -9.54
N THR A 161 6.70 0.34 -8.91
CA THR A 161 7.57 -0.82 -8.82
C THR A 161 7.63 -1.27 -7.36
N PRO A 162 7.82 -2.57 -7.08
CA PRO A 162 8.03 -3.01 -5.70
C PRO A 162 9.10 -2.23 -4.91
N LYS A 163 10.18 -1.81 -5.56
CA LYS A 163 11.27 -1.15 -4.86
C LYS A 163 10.86 0.25 -4.45
N ALA A 164 10.17 0.95 -5.36
CA ALA A 164 9.71 2.31 -5.24
C ALA A 164 8.71 2.42 -4.10
N VAL A 165 7.81 1.43 -4.04
CA VAL A 165 6.79 1.35 -3.00
C VAL A 165 7.49 1.21 -1.65
N ALA A 166 8.45 0.28 -1.58
CA ALA A 166 9.18 0.00 -0.37
C ALA A 166 9.98 1.23 0.07
N ASN A 167 10.68 1.88 -0.87
CA ASN A 167 11.43 3.10 -0.54
C ASN A 167 10.52 4.19 0.02
N SER A 168 9.36 4.39 -0.62
CA SER A 168 8.45 5.45 -0.22
C SER A 168 7.83 5.18 1.14
N LEU A 169 7.41 3.91 1.38
CA LEU A 169 6.91 3.42 2.67
C LEU A 169 7.95 3.69 3.77
N ASN A 170 9.22 3.39 3.48
CA ASN A 170 10.30 3.67 4.42
C ASN A 170 10.40 5.18 4.73
N LYS A 171 10.29 6.02 3.70
CA LYS A 171 10.43 7.44 3.96
C LYS A 171 9.31 7.92 4.88
N LEU A 172 8.09 7.38 4.69
CA LEU A 172 6.91 7.99 5.29
C LEU A 172 6.69 7.49 6.72
N ALA A 173 6.91 6.18 6.93
CA ALA A 173 6.66 5.51 8.20
C ALA A 173 7.90 5.53 9.07
N LEU A 174 9.08 5.76 8.47
CA LEU A 174 10.33 5.60 9.19
C LEU A 174 11.27 6.80 8.99
N GLY A 175 11.13 7.55 7.89
CA GLY A 175 12.04 8.65 7.61
C GLY A 175 11.52 9.95 8.23
N ASN A 176 11.87 11.08 7.61
CA ASN A 176 11.57 12.38 8.18
C ASN A 176 10.63 13.21 7.30
N VAL A 177 9.55 12.61 6.82
CA VAL A 177 8.56 13.35 6.06
C VAL A 177 7.51 13.93 7.03
N LEU A 178 7.24 13.23 8.13
CA LEU A 178 6.26 13.62 9.14
C LEU A 178 6.99 13.79 10.47
N ASN A 179 6.53 14.74 11.30
CA ASN A 179 7.06 14.93 12.64
C ASN A 179 6.69 13.72 13.49
N ALA A 180 7.14 13.72 14.75
CA ALA A 180 7.00 12.59 15.67
C ALA A 180 5.52 12.20 15.80
N LYS A 181 4.69 13.25 15.91
CA LYS A 181 3.28 13.19 16.26
C LYS A 181 2.49 12.56 15.12
N VAL A 182 2.59 13.19 13.96
CA VAL A 182 1.83 12.79 12.79
C VAL A 182 2.32 11.44 12.25
N LYS A 183 3.61 11.16 12.46
CA LYS A 183 4.20 9.88 12.06
C LYS A 183 3.55 8.77 12.87
N ALA A 184 3.45 8.96 14.19
CA ALA A 184 2.82 7.99 15.06
C ALA A 184 1.35 7.75 14.66
N ILE A 185 0.65 8.81 14.25
CA ILE A 185 -0.72 8.67 13.78
C ILE A 185 -0.73 7.77 12.54
N TYR A 186 0.14 8.08 11.56
CA TYR A 186 0.26 7.32 10.33
C TYR A 186 0.59 5.86 10.65
N GLN A 187 1.51 5.62 11.60
CA GLN A 187 1.87 4.25 11.94
C GLN A 187 0.69 3.51 12.58
N ASN A 188 -0.03 4.19 13.48
CA ASN A 188 -1.20 3.59 14.11
C ASN A 188 -2.27 3.23 13.09
N TRP A 189 -2.44 4.06 12.06
CA TRP A 189 -3.38 3.72 11.00
C TRP A 189 -2.99 2.43 10.30
N LEU A 190 -1.69 2.33 9.96
CA LEU A 190 -1.09 1.19 9.28
C LEU A 190 -1.20 -0.07 10.15
N LYS A 191 -0.97 0.07 11.46
CA LYS A 191 -1.09 -1.04 12.40
C LYS A 191 -2.53 -1.57 12.49
N GLY A 192 -3.51 -0.71 12.20
CA GLY A 192 -4.91 -1.09 12.33
C GLY A 192 -5.56 -1.43 10.99
N ASN A 193 -4.75 -1.67 9.95
CA ASN A 193 -5.28 -2.15 8.67
C ASN A 193 -6.01 -3.48 8.90
N THR A 194 -7.22 -3.63 8.36
CA THR A 194 -7.98 -4.83 8.68
C THR A 194 -7.92 -5.86 7.59
N THR A 195 -7.20 -5.59 6.49
CA THR A 195 -7.43 -6.36 5.28
C THR A 195 -6.23 -7.24 4.89
N GLY A 196 -5.21 -7.37 5.74
CA GLY A 196 -3.99 -8.02 5.28
C GLY A 196 -3.65 -9.28 6.07
N ASP A 197 -4.60 -9.81 6.86
CA ASP A 197 -4.34 -10.91 7.77
C ASP A 197 -3.80 -12.17 7.06
N ALA A 198 -4.14 -12.36 5.78
CA ALA A 198 -3.67 -13.55 5.08
C ALA A 198 -2.44 -13.26 4.21
N ARG A 199 -1.92 -12.02 4.27
CA ARG A 199 -0.80 -11.66 3.41
C ARG A 199 0.50 -11.62 4.21
N ILE A 200 1.16 -10.45 4.24
CA ILE A 200 2.42 -10.25 4.94
C ILE A 200 2.28 -10.63 6.42
N ARG A 201 1.17 -10.20 7.06
CA ARG A 201 0.89 -10.58 8.44
C ARG A 201 0.97 -12.09 8.68
N ALA A 202 0.52 -12.90 7.73
CA ALA A 202 0.44 -14.35 7.93
C ALA A 202 1.82 -14.99 7.87
N SER A 203 2.83 -14.21 7.47
CA SER A 203 4.21 -14.68 7.30
C SER A 203 5.11 -14.39 8.50
N VAL A 204 4.63 -13.67 9.53
CA VAL A 204 5.53 -13.25 10.61
C VAL A 204 5.07 -13.79 11.96
N PRO A 205 5.98 -13.88 12.96
CA PRO A 205 5.59 -14.19 14.34
C PRO A 205 4.47 -13.24 14.77
N ALA A 206 3.46 -13.82 15.44
CA ALA A 206 2.32 -13.08 15.98
C ALA A 206 2.78 -11.93 16.87
N ASP A 207 3.96 -12.06 17.50
CA ASP A 207 4.44 -11.08 18.46
C ASP A 207 5.11 -9.89 17.78
N TRP A 208 5.39 -9.97 16.48
CA TRP A 208 5.85 -8.81 15.74
C TRP A 208 4.66 -7.90 15.41
N VAL A 209 4.88 -6.57 15.56
CA VAL A 209 3.91 -5.59 15.12
C VAL A 209 4.09 -5.33 13.63
N VAL A 210 2.98 -5.38 12.88
CA VAL A 210 2.93 -5.11 11.45
C VAL A 210 1.97 -3.96 11.15
N GLY A 211 2.39 -3.04 10.28
CA GLY A 211 1.45 -2.16 9.62
C GLY A 211 1.48 -2.38 8.13
N ASP A 212 0.30 -2.46 7.48
CA ASP A 212 0.29 -2.87 6.09
C ASP A 212 -0.86 -2.20 5.31
N LYS A 213 -0.75 -2.19 3.96
CA LYS A 213 -1.83 -1.77 3.08
C LYS A 213 -1.93 -2.75 1.92
N THR A 214 -3.14 -3.29 1.67
CA THR A 214 -3.34 -4.25 0.61
C THR A 214 -3.95 -3.60 -0.64
N GLY A 215 -3.85 -4.34 -1.76
CA GLY A 215 -4.58 -4.09 -2.98
C GLY A 215 -5.01 -5.41 -3.62
N SER A 216 -6.20 -5.43 -4.20
CA SER A 216 -6.68 -6.55 -5.00
C SER A 216 -7.53 -5.96 -6.13
N CYS A 217 -6.96 -5.86 -7.33
CA CYS A 217 -7.62 -5.21 -8.45
C CYS A 217 -8.91 -5.95 -8.82
N GLY A 218 -8.86 -7.30 -8.75
CA GLY A 218 -9.99 -8.13 -9.17
C GLY A 218 -9.94 -8.44 -10.67
N ALA A 219 -8.74 -8.41 -11.25
CA ALA A 219 -8.54 -8.64 -12.67
C ALA A 219 -7.10 -9.07 -12.85
N TYR A 220 -6.83 -10.00 -13.77
CA TYR A 220 -5.50 -10.53 -14.03
C TYR A 220 -4.84 -11.03 -12.74
N GLY A 221 -5.67 -11.53 -11.80
CA GLY A 221 -5.24 -12.03 -10.51
C GLY A 221 -4.22 -11.12 -9.83
N THR A 222 -4.44 -9.79 -9.90
CA THR A 222 -3.48 -8.80 -9.44
C THR A 222 -3.78 -8.52 -7.97
N ALA A 223 -2.77 -8.64 -7.12
CA ALA A 223 -2.96 -8.39 -5.70
C ALA A 223 -1.63 -8.00 -5.05
N ASN A 224 -1.69 -7.20 -3.97
CA ASN A 224 -0.43 -6.80 -3.36
C ASN A 224 -0.55 -6.61 -1.85
N ASP A 225 0.60 -6.29 -1.24
CA ASP A 225 0.69 -5.91 0.16
C ASP A 225 2.05 -5.25 0.41
N TYR A 226 2.05 -4.15 1.17
CA TYR A 226 3.31 -3.59 1.65
C TYR A 226 3.20 -3.41 3.16
N ALA A 227 4.32 -3.51 3.91
CA ALA A 227 4.26 -3.52 5.37
C ALA A 227 5.52 -2.96 6.02
N VAL A 228 5.34 -2.24 7.14
CA VAL A 228 6.38 -2.01 8.12
C VAL A 228 6.21 -3.09 9.17
N ILE A 229 7.32 -3.73 9.54
CA ILE A 229 7.32 -4.75 10.57
C ILE A 229 8.31 -4.36 11.68
N TRP A 230 7.80 -4.37 12.92
CA TRP A 230 8.62 -4.10 14.08
C TRP A 230 8.93 -5.42 14.81
N PRO A 231 10.08 -6.07 14.54
CA PRO A 231 10.44 -7.27 15.29
C PRO A 231 10.84 -6.71 16.66
N LYS A 232 10.77 -7.52 17.69
CA LYS A 232 11.29 -7.02 18.96
C LYS A 232 12.79 -7.32 18.99
N ASN A 233 13.56 -6.54 19.77
CA ASN A 233 15.02 -6.67 19.86
C ASN A 233 15.73 -6.51 18.51
N ARG A 234 15.02 -5.98 17.48
CA ARG A 234 15.60 -5.77 16.16
C ARG A 234 14.93 -4.55 15.53
N ALA A 235 15.57 -3.93 14.51
CA ALA A 235 15.09 -2.71 13.88
C ALA A 235 14.04 -3.02 12.82
N PRO A 236 13.11 -2.07 12.50
CA PRO A 236 12.05 -2.30 11.49
C PRO A 236 12.49 -2.88 10.16
N LEU A 237 11.59 -3.72 9.58
CA LEU A 237 11.72 -4.22 8.23
C LEU A 237 10.68 -3.52 7.36
N ILE A 238 11.00 -3.41 6.05
CA ILE A 238 10.04 -3.02 5.03
C ILE A 238 9.91 -4.18 4.04
N VAL A 239 8.66 -4.60 3.76
CA VAL A 239 8.35 -5.64 2.79
C VAL A 239 7.33 -5.13 1.79
N SER A 240 7.61 -5.34 0.49
CA SER A 240 6.77 -4.90 -0.61
C SER A 240 6.58 -6.04 -1.62
N ILE A 241 5.34 -6.51 -1.76
CA ILE A 241 4.99 -7.73 -2.49
C ILE A 241 3.89 -7.42 -3.50
N TYR A 242 4.17 -7.55 -4.82
CA TYR A 242 3.25 -7.21 -5.90
C TYR A 242 3.13 -8.41 -6.84
N THR A 243 1.90 -8.73 -7.30
CA THR A 243 1.69 -9.87 -8.19
C THR A 243 0.67 -9.51 -9.28
N THR A 244 0.84 -10.09 -10.47
CA THR A 244 -0.13 -10.11 -11.57
C THR A 244 -0.11 -11.51 -12.20
N ARG A 245 -1.14 -11.79 -13.01
CA ARG A 245 -1.28 -13.08 -13.66
C ARG A 245 -1.58 -12.90 -15.14
N LYS A 246 -1.55 -14.01 -15.89
CA LYS A 246 -1.57 -14.02 -17.35
C LYS A 246 -2.93 -13.54 -17.89
N SER A 247 -4.02 -14.23 -17.52
CA SER A 247 -5.33 -13.95 -18.11
C SER A 247 -6.25 -13.17 -17.17
N LYS A 248 -7.25 -12.52 -17.77
CA LYS A 248 -8.16 -11.58 -17.12
C LYS A 248 -8.90 -12.24 -15.97
N ASP A 249 -9.27 -13.53 -16.16
CA ASP A 249 -10.16 -14.33 -15.33
C ASP A 249 -9.43 -14.96 -14.13
N ASP A 250 -8.10 -15.00 -14.18
CA ASP A 250 -7.30 -15.66 -13.15
C ASP A 250 -7.54 -15.00 -11.80
N LYS A 251 -7.61 -15.82 -10.75
CA LYS A 251 -7.83 -15.30 -9.41
C LYS A 251 -6.50 -14.90 -8.79
N HIS A 252 -6.54 -13.97 -7.82
CA HIS A 252 -5.34 -13.56 -7.10
C HIS A 252 -5.04 -14.63 -6.06
N SER A 253 -3.84 -14.58 -5.46
CA SER A 253 -3.51 -15.58 -4.46
C SER A 253 -2.83 -14.96 -3.26
N ASP A 254 -3.55 -14.97 -2.13
CA ASP A 254 -3.09 -14.53 -0.82
C ASP A 254 -1.94 -15.41 -0.36
N LYS A 255 -2.09 -16.73 -0.56
CA LYS A 255 -1.09 -17.67 -0.07
C LYS A 255 0.31 -17.33 -0.61
N THR A 256 0.34 -17.04 -1.91
CA THR A 256 1.51 -16.75 -2.72
C THR A 256 2.24 -15.54 -2.17
N ILE A 257 1.46 -14.54 -1.74
CA ILE A 257 1.97 -13.31 -1.18
C ILE A 257 2.58 -13.59 0.19
N ALA A 258 1.87 -14.36 1.03
CA ALA A 258 2.42 -14.80 2.30
C ALA A 258 3.76 -15.54 2.09
N GLU A 259 3.77 -16.54 1.21
CA GLU A 259 4.99 -17.32 1.02
C GLU A 259 6.11 -16.44 0.42
N ALA A 260 5.77 -15.55 -0.51
CA ALA A 260 6.76 -14.63 -1.06
C ALA A 260 7.27 -13.71 0.04
N SER A 261 6.38 -13.30 0.93
CA SER A 261 6.78 -12.46 2.03
C SER A 261 7.80 -13.21 2.90
N ARG A 262 7.47 -14.47 3.24
CA ARG A 262 8.30 -15.29 4.11
C ARG A 262 9.68 -15.44 3.47
N ILE A 263 9.70 -15.63 2.15
CA ILE A 263 10.96 -15.84 1.45
C ILE A 263 11.77 -14.56 1.50
N ALA A 264 11.08 -13.42 1.39
CA ALA A 264 11.79 -12.15 1.34
C ALA A 264 12.46 -11.89 2.68
N ILE A 265 11.80 -12.32 3.76
CA ILE A 265 12.20 -11.95 5.11
C ILE A 265 13.47 -12.71 5.48
N GLN A 266 13.46 -14.04 5.29
CA GLN A 266 14.63 -14.90 5.44
C GLN A 266 15.84 -14.37 4.68
N ALA A 267 15.63 -13.88 3.45
CA ALA A 267 16.70 -13.30 2.64
C ALA A 267 17.34 -12.06 3.31
N ILE A 268 16.68 -11.44 4.28
CA ILE A 268 17.22 -10.22 4.88
C ILE A 268 17.46 -10.39 6.38
N ASP A 269 17.68 -11.61 6.90
CA ASP A 269 18.15 -11.87 8.28
C ASP A 269 19.53 -11.21 8.49
OAF C8V B . -8.71 -5.58 0.68
SAZ C8V B . -8.10 -4.72 -0.34
OAD C8V B . -7.43 -3.51 0.18
OAE C8V B . -7.23 -5.48 -1.25
OAS C8V B . -9.23 -4.14 -1.26
NAR C8V B . -10.32 -3.47 -0.58
CAV C8V B . -11.32 -3.36 -1.68
CAK C8V B . -11.37 -4.74 -2.36
CB C8V B . -11.29 -4.74 -3.89
CAN C8V B . -11.03 -2.18 -2.64
N C8V B . -10.03 -2.60 -3.63
CAG C8V B . -8.74 -2.19 -3.60
OAA C8V B . -7.82 -2.73 -4.20
CA C8V B . -10.50 -3.63 -4.57
C C8V B . -11.36 -3.01 -5.65
O C8V B . -12.33 -2.30 -5.36
NAQ C8V B . -11.13 -3.43 -6.91
NAP C8V B . -12.13 -3.75 -7.82
CAT C8V B . -13.23 -4.45 -7.50
OAB C8V B . -13.39 -4.96 -6.38
CAW C8V B . -14.22 -4.68 -8.62
CAJ C8V B . -15.52 -5.36 -8.10
CAH C8V B . -16.18 -6.32 -9.10
CAI C8V B . -15.19 -7.35 -9.63
NAO C8V B . -13.77 -6.98 -9.45
CAM C8V B . -13.56 -5.54 -9.71
C1 EDO C . -15.48 9.22 -9.45
O1 EDO C . -14.82 8.81 -10.65
C2 EDO C . -14.78 10.28 -8.67
O2 EDO C . -14.08 11.09 -9.60
#